data_4DLD
#
_entry.id   4DLD
#
_cell.length_a   69.320
_cell.length_b   69.320
_cell.length_c   234.970
_cell.angle_alpha   90.000
_cell.angle_beta   90.000
_cell.angle_gamma   90.000
#
_symmetry.space_group_name_H-M   'P 41 21 2'
#
loop_
_entity.id
_entity.type
_entity.pdbx_description
1 polymer 'Glutamate receptor, ionotropic kainate 1'
2 non-polymer '(S)-2-amino-3-(2-(2-carboxyethyl)-5-chloro-4-nitrophenyl)propionic acid'
3 non-polymer 'CHLORIDE ION'
4 non-polymer 'SULFATE ION'
5 non-polymer GLYCEROL
6 water water
#
_entity_poly.entity_id   1
_entity_poly.type   'polypeptide(L)'
_entity_poly.pdbx_seq_one_letter_code
;GANRTLIVTTILEEPYVMYRKSDKPLYGNDRFEGYCLDLLKELSNILGFLYDVKLVPDGKYGAQNDKGEWNGMVKELIDH
RADLAVAPLTITYVREKVIDFSKPFMTLGISILYRKGTPIDSADDLAKQTKIEYGAVRDGSTMTFFKKSKISTYEKMWAF
MSSRQQSALVKNSDEGIQRVLTTDYALLMESTSIEYVTQRNCNLTQIGGLIDSKGYGVGTPIGSPYRDKITIAILQLQEE
GKLHMMKEKWWRGNGCP
;
_entity_poly.pdbx_strand_id   A,B
#
# COMPACT_ATOMS: atom_id res chain seq x y z
N ASN A 3 26.14 -11.82 -18.21
CA ASN A 3 25.29 -10.87 -17.48
C ASN A 3 26.09 -9.88 -16.63
N ARG A 4 25.95 -8.60 -16.96
CA ARG A 4 26.63 -7.52 -16.25
C ARG A 4 26.10 -7.42 -14.81
N THR A 5 27.04 -7.38 -13.85
CA THR A 5 26.68 -7.25 -12.45
C THR A 5 26.03 -5.89 -12.16
N LEU A 6 24.87 -5.91 -11.52
CA LEU A 6 24.14 -4.67 -11.26
C LEU A 6 24.74 -3.91 -10.07
N ILE A 7 24.72 -2.58 -10.16
CA ILE A 7 25.15 -1.75 -9.05
C ILE A 7 23.93 -1.35 -8.23
N VAL A 8 23.92 -1.73 -6.95
CA VAL A 8 22.82 -1.41 -6.07
C VAL A 8 23.24 -0.36 -5.04
N THR A 9 22.66 0.83 -5.12
CA THR A 9 22.91 1.86 -4.15
C THR A 9 21.99 1.66 -2.94
N THR A 10 22.49 1.99 -1.75
CA THR A 10 21.72 1.80 -0.53
C THR A 10 22.29 2.68 0.56
N ILE A 11 21.78 2.52 1.76
CA ILE A 11 22.11 3.45 2.82
C ILE A 11 22.02 2.73 4.16
N LEU A 12 22.92 3.04 5.08
CA LEU A 12 22.89 2.40 6.39
C LEU A 12 21.67 2.87 7.14
N GLU A 13 20.78 1.95 7.50
CA GLU A 13 19.57 2.29 8.23
C GLU A 13 19.01 1.04 8.87
N GLU A 14 19.11 0.97 10.20
CA GLU A 14 18.63 -0.19 10.92
C GLU A 14 17.11 -0.30 10.83
N PRO A 15 16.58 -1.53 10.64
CA PRO A 15 17.32 -2.77 10.45
C PRO A 15 17.31 -3.16 8.96
N TYR A 16 17.23 -2.16 8.09
CA TYR A 16 17.14 -2.41 6.64
C TYR A 16 18.48 -2.78 6.06
N VAL A 17 19.48 -2.01 6.45
CA VAL A 17 20.86 -2.19 5.99
C VAL A 17 21.81 -1.85 7.13
N MET A 18 22.60 -2.83 7.54
CA MET A 18 23.52 -2.62 8.65
C MET A 18 24.86 -3.31 8.41
N TYR A 19 25.92 -2.75 8.97
CA TYR A 19 27.19 -3.44 8.99
C TYR A 19 27.06 -4.72 9.82
N ARG A 20 27.52 -5.83 9.26
CA ARG A 20 27.50 -7.10 9.97
CA ARG A 20 27.51 -7.11 9.96
C ARG A 20 28.56 -7.10 11.07
N LYS A 21 28.31 -7.84 12.14
CA LYS A 21 29.27 -7.94 13.25
C LYS A 21 30.28 -9.04 12.95
N SER A 22 31.56 -8.69 12.92
CA SER A 22 32.60 -9.67 12.62
C SER A 22 33.89 -9.35 13.37
N ASP A 23 34.60 -10.40 13.76
CA ASP A 23 35.89 -10.23 14.43
C ASP A 23 37.01 -10.05 13.40
N LYS A 24 36.69 -10.35 12.14
CA LYS A 24 37.64 -10.12 11.05
C LYS A 24 37.02 -9.19 10.00
N PRO A 25 37.87 -8.50 9.22
CA PRO A 25 37.40 -7.57 8.20
C PRO A 25 36.51 -8.27 7.20
N LEU A 26 35.39 -7.65 6.84
CA LEU A 26 34.48 -8.21 5.82
C LEU A 26 34.62 -7.49 4.51
N TYR A 27 34.29 -8.18 3.42
CA TYR A 27 34.48 -7.62 2.09
C TYR A 27 33.21 -7.75 1.24
N GLY A 28 33.03 -6.81 0.32
CA GLY A 28 31.92 -6.84 -0.62
C GLY A 28 30.56 -6.91 0.06
N ASN A 29 29.63 -7.64 -0.56
CA ASN A 29 28.27 -7.74 -0.07
C ASN A 29 28.19 -8.35 1.32
N ASP A 30 29.17 -9.18 1.67
CA ASP A 30 29.18 -9.84 2.97
C ASP A 30 29.33 -8.83 4.12
N ARG A 31 29.68 -7.60 3.77
CA ARG A 31 29.80 -6.54 4.79
C ARG A 31 28.46 -6.23 5.47
N PHE A 32 27.38 -6.37 4.71
CA PHE A 32 26.07 -5.91 5.18
C PHE A 32 25.08 -7.02 5.49
N GLU A 33 24.09 -6.69 6.31
CA GLU A 33 22.92 -7.55 6.53
C GLU A 33 21.71 -6.68 6.83
N GLY A 34 20.54 -7.31 6.79
CA GLY A 34 19.31 -6.63 7.13
C GLY A 34 18.17 -6.97 6.19
N TYR A 35 16.99 -6.45 6.50
CA TYR A 35 15.79 -6.66 5.69
C TYR A 35 16.07 -6.45 4.20
N CYS A 36 16.76 -5.35 3.86
CA CYS A 36 16.94 -5.03 2.44
C CYS A 36 17.93 -5.98 1.76
N LEU A 37 18.88 -6.50 2.52
CA LEU A 37 19.80 -7.49 2.00
C LEU A 37 19.08 -8.79 1.69
N ASP A 38 18.16 -9.20 2.59
CA ASP A 38 17.37 -10.39 2.33
C ASP A 38 16.45 -10.19 1.13
N LEU A 39 15.81 -9.02 1.05
CA LEU A 39 14.94 -8.70 -0.08
C LEU A 39 15.75 -8.77 -1.37
N LEU A 40 16.96 -8.21 -1.34
CA LEU A 40 17.84 -8.18 -2.50
C LEU A 40 18.23 -9.59 -2.90
N LYS A 41 18.55 -10.43 -1.92
CA LYS A 41 18.92 -11.80 -2.22
C LYS A 41 17.75 -12.55 -2.87
N GLU A 42 16.54 -12.35 -2.37
CA GLU A 42 15.35 -12.96 -2.98
C GLU A 42 15.16 -12.50 -4.41
N LEU A 43 15.23 -11.19 -4.63
CA LEU A 43 15.06 -10.62 -5.96
C LEU A 43 16.08 -11.16 -6.96
N SER A 44 17.34 -11.29 -6.52
CA SER A 44 18.38 -11.77 -7.42
C SER A 44 18.18 -13.25 -7.76
N ASN A 45 17.69 -14.04 -6.81
CA ASN A 45 17.38 -15.43 -7.07
C ASN A 45 16.24 -15.60 -8.08
N ILE A 46 15.20 -14.81 -7.89
CA ILE A 46 14.01 -14.84 -8.73
C ILE A 46 14.29 -14.37 -10.14
N LEU A 47 15.03 -13.27 -10.25
CA LEU A 47 15.23 -12.62 -11.54
C LEU A 47 16.54 -13.00 -12.22
N GLY A 48 17.44 -13.63 -11.47
CA GLY A 48 18.69 -14.13 -12.01
C GLY A 48 19.70 -13.06 -12.37
N PHE A 49 19.97 -12.15 -11.43
CA PHE A 49 21.01 -11.15 -11.63
C PHE A 49 22.04 -11.22 -10.51
N LEU A 50 23.26 -10.78 -10.80
CA LEU A 50 24.29 -10.63 -9.77
C LEU A 50 24.34 -9.17 -9.40
N TYR A 51 24.88 -8.86 -8.23
CA TYR A 51 24.82 -7.48 -7.77
C TYR A 51 25.97 -7.13 -6.83
N ASP A 52 26.32 -5.85 -6.83
CA ASP A 52 27.31 -5.33 -5.90
C ASP A 52 26.62 -4.23 -5.14
N VAL A 53 26.63 -4.31 -3.81
CA VAL A 53 25.98 -3.29 -2.99
C VAL A 53 26.95 -2.15 -2.73
N LYS A 54 26.49 -0.92 -2.96
CA LYS A 54 27.36 0.24 -2.78
C LYS A 54 26.65 1.30 -1.97
N LEU A 55 27.23 1.68 -0.82
CA LEU A 55 26.64 2.74 -0.01
C LEU A 55 26.59 4.03 -0.82
N VAL A 56 25.49 4.77 -0.75
CA VAL A 56 25.44 6.07 -1.44
C VAL A 56 26.51 6.98 -0.87
N PRO A 57 27.39 7.50 -1.74
CA PRO A 57 28.52 8.30 -1.23
C PRO A 57 28.13 9.48 -0.35
N ASP A 58 27.09 10.23 -0.71
CA ASP A 58 26.73 11.41 0.07
C ASP A 58 25.86 11.09 1.30
N GLY A 59 25.59 9.81 1.50
CA GLY A 59 24.76 9.37 2.61
C GLY A 59 23.37 9.98 2.72
N LYS A 60 22.73 10.32 1.60
CA LYS A 60 21.36 10.86 1.62
C LYS A 60 20.34 10.00 0.85
N TYR A 61 19.08 10.01 1.27
CA TYR A 61 18.03 9.31 0.55
C TYR A 61 17.76 9.99 -0.81
N GLY A 62 17.48 11.29 -0.79
CA GLY A 62 17.16 11.99 -2.03
C GLY A 62 16.19 13.14 -1.84
N ALA A 63 16.69 14.35 -2.10
CA ALA A 63 15.87 15.55 -1.97
C ALA A 63 16.41 16.63 -2.91
N GLN A 64 15.63 17.69 -3.10
CA GLN A 64 16.05 18.79 -3.94
C GLN A 64 16.49 20.00 -3.14
N ASN A 65 17.57 20.64 -3.59
CA ASN A 65 18.01 21.88 -2.97
C ASN A 65 17.23 23.05 -3.53
N ASP A 66 17.60 24.27 -3.12
CA ASP A 66 16.95 25.49 -3.58
C ASP A 66 16.82 25.57 -5.10
N LYS A 67 17.77 24.95 -5.80
CA LYS A 67 17.84 25.07 -7.25
C LYS A 67 17.20 23.89 -7.98
N GLY A 68 16.51 23.04 -7.22
CA GLY A 68 15.80 21.90 -7.78
C GLY A 68 16.69 20.69 -8.01
N GLU A 69 17.96 20.79 -7.63
CA GLU A 69 18.94 19.75 -7.88
C GLU A 69 18.81 18.59 -6.90
N TRP A 70 18.81 17.36 -7.43
CA TRP A 70 18.69 16.17 -6.58
C TRP A 70 20.02 15.76 -5.98
N ASN A 71 19.94 14.98 -4.90
CA ASN A 71 21.10 14.38 -4.26
C ASN A 71 20.77 12.94 -3.87
N GLY A 72 21.64 12.29 -3.12
CA GLY A 72 21.32 10.99 -2.57
C GLY A 72 21.11 9.88 -3.58
N MET A 73 20.42 8.84 -3.13
CA MET A 73 20.23 7.67 -4.01
C MET A 73 19.39 8.05 -5.22
N VAL A 74 18.48 9.00 -5.04
CA VAL A 74 17.69 9.49 -6.19
C VAL A 74 18.63 10.01 -7.29
N LYS A 75 19.58 10.86 -6.93
CA LYS A 75 20.51 11.38 -7.91
C LYS A 75 21.36 10.28 -8.54
N GLU A 76 21.81 9.33 -7.73
CA GLU A 76 22.55 8.17 -8.25
C GLU A 76 21.80 7.48 -9.39
N LEU A 77 20.49 7.32 -9.21
CA LEU A 77 19.67 6.65 -10.23
C LEU A 77 19.49 7.51 -11.49
N ILE A 78 19.16 8.77 -11.29
CA ILE A 78 18.96 9.69 -12.41
C ILE A 78 20.22 9.76 -13.30
N ASP A 79 21.39 9.76 -12.66
CA ASP A 79 22.67 9.86 -13.37
C ASP A 79 23.23 8.52 -13.84
N HIS A 80 22.47 7.44 -13.65
CA HIS A 80 22.94 6.11 -14.04
C HIS A 80 24.27 5.74 -13.40
N ARG A 81 24.39 6.05 -12.11
CA ARG A 81 25.54 5.56 -11.35
C ARG A 81 25.15 4.34 -10.52
N ALA A 82 23.87 3.97 -10.58
CA ALA A 82 23.41 2.71 -10.00
C ALA A 82 22.29 2.16 -10.85
N ASP A 83 22.13 0.84 -10.86
CA ASP A 83 21.03 0.17 -11.56
C ASP A 83 19.77 0.14 -10.70
N LEU A 84 19.95 -0.07 -9.40
CA LEU A 84 18.83 -0.18 -8.47
C LEU A 84 19.16 0.54 -7.16
N ALA A 85 18.12 1.01 -6.49
CA ALA A 85 18.27 1.48 -5.12
C ALA A 85 17.35 0.61 -4.26
N VAL A 86 17.95 -0.13 -3.34
CA VAL A 86 17.18 -0.99 -2.46
C VAL A 86 17.37 -0.51 -1.03
N ALA A 87 16.36 0.20 -0.53
CA ALA A 87 16.44 0.91 0.75
C ALA A 87 15.02 1.29 1.17
N PRO A 88 14.85 1.74 2.43
CA PRO A 88 13.52 2.23 2.83
C PRO A 88 13.28 3.59 2.20
N LEU A 89 13.11 3.59 0.88
CA LEU A 89 13.03 4.82 0.11
C LEU A 89 11.57 5.08 -0.22
N THR A 90 11.02 6.17 0.31
CA THR A 90 9.59 6.44 0.19
C THR A 90 9.17 6.82 -1.23
N ILE A 91 8.12 6.17 -1.73
CA ILE A 91 7.58 6.48 -3.04
C ILE A 91 6.73 7.76 -2.94
N THR A 92 7.21 8.87 -3.48
CA THR A 92 6.47 10.13 -3.44
C THR A 92 6.22 10.59 -4.87
N TYR A 93 5.22 11.44 -5.10
CA TYR A 93 4.98 11.81 -6.49
C TYR A 93 6.15 12.65 -7.06
N VAL A 94 6.77 13.44 -6.19
CA VAL A 94 7.89 14.27 -6.63
C VAL A 94 9.08 13.40 -7.08
N ARG A 95 9.37 12.35 -6.33
CA ARG A 95 10.46 11.44 -6.70
C ARG A 95 10.08 10.57 -7.90
N GLU A 96 8.84 10.08 -7.92
CA GLU A 96 8.35 9.23 -9.01
C GLU A 96 8.44 9.93 -10.38
N LYS A 97 8.44 11.25 -10.38
CA LYS A 97 8.57 12.00 -11.61
C LYS A 97 9.97 11.86 -12.23
N VAL A 98 10.99 11.64 -11.40
CA VAL A 98 12.36 11.66 -11.88
C VAL A 98 13.05 10.29 -11.90
N ILE A 99 12.46 9.32 -11.20
CA ILE A 99 12.93 7.95 -11.30
C ILE A 99 11.74 6.99 -11.48
N ASP A 100 12.03 5.73 -11.78
CA ASP A 100 11.02 4.69 -11.90
C ASP A 100 10.99 3.77 -10.66
N PHE A 101 9.98 3.92 -9.82
CA PHE A 101 9.84 3.07 -8.62
C PHE A 101 9.13 1.76 -8.95
N SER A 102 9.58 0.66 -8.36
CA SER A 102 8.81 -0.55 -8.33
C SER A 102 7.60 -0.28 -7.46
N LYS A 103 6.62 -1.17 -7.48
CA LYS A 103 5.53 -1.09 -6.50
C LYS A 103 6.09 -1.39 -5.12
N PRO A 104 5.41 -0.94 -4.07
CA PRO A 104 5.97 -1.00 -2.71
C PRO A 104 6.20 -2.41 -2.19
N PHE A 105 7.35 -2.63 -1.55
CA PHE A 105 7.59 -3.89 -0.86
C PHE A 105 7.14 -3.80 0.60
N MET A 106 6.84 -2.59 1.05
CA MET A 106 6.34 -2.38 2.41
C MET A 106 5.43 -1.15 2.42
N THR A 107 4.31 -1.22 3.11
CA THR A 107 3.43 -0.06 3.21
C THR A 107 3.43 0.50 4.63
N LEU A 108 3.14 1.80 4.74
CA LEU A 108 3.33 2.50 6.00
C LEU A 108 2.72 3.88 5.94
N GLY A 109 2.99 4.68 6.97
CA GLY A 109 2.56 6.06 7.00
C GLY A 109 3.29 6.82 8.08
N ILE A 110 3.23 8.14 8.03
CA ILE A 110 3.78 8.96 9.09
C ILE A 110 2.93 8.78 10.34
N SER A 111 3.56 8.64 11.50
CA SER A 111 2.84 8.62 12.76
C SER A 111 3.69 9.32 13.81
N ILE A 112 3.30 9.19 15.07
CA ILE A 112 3.97 9.91 16.14
C ILE A 112 4.65 8.96 17.12
N LEU A 113 5.95 9.19 17.35
CA LEU A 113 6.68 8.51 18.43
C LEU A 113 6.75 9.40 19.66
N TYR A 114 6.34 8.87 20.81
CA TYR A 114 6.30 9.68 22.03
C TYR A 114 6.36 8.76 23.23
N ARG A 115 6.50 9.33 24.42
CA ARG A 115 6.54 8.57 25.67
C ARG A 115 5.17 7.95 25.98
N LYS A 116 5.17 6.79 26.63
CA LYS A 116 3.92 6.24 27.16
C LYS A 116 3.46 7.12 28.31
N GLY A 117 2.21 7.00 28.70
CA GLY A 117 1.71 7.67 29.89
C GLY A 117 1.22 9.10 29.73
N THR A 118 1.14 9.61 28.49
CA THR A 118 0.65 10.98 28.30
C THR A 118 -0.80 10.96 27.88
N PRO A 119 -1.47 12.12 27.93
CA PRO A 119 -2.85 12.19 27.44
C PRO A 119 -2.92 12.46 25.92
N ILE A 120 -1.78 12.54 25.25
CA ILE A 120 -1.73 12.87 23.83
C ILE A 120 -2.23 11.68 23.02
N ASP A 121 -3.17 11.93 22.11
CA ASP A 121 -3.78 10.82 21.37
C ASP A 121 -3.79 10.99 19.84
N SER A 122 -3.39 12.15 19.33
CA SER A 122 -3.42 12.38 17.89
C SER A 122 -2.52 13.55 17.50
N ALA A 123 -2.28 13.68 16.20
CA ALA A 123 -1.59 14.82 15.64
C ALA A 123 -2.32 16.09 16.03
N ASP A 124 -3.65 16.05 15.97
CA ASP A 124 -4.46 17.21 16.32
C ASP A 124 -4.14 17.70 17.74
N ASP A 125 -4.02 16.76 18.67
CA ASP A 125 -3.65 17.11 20.05
C ASP A 125 -2.35 17.90 20.08
N LEU A 126 -1.34 17.44 19.35
CA LEU A 126 -0.07 18.15 19.24
C LEU A 126 -0.22 19.53 18.59
N ALA A 127 -0.99 19.60 17.51
CA ALA A 127 -1.03 20.83 16.71
C ALA A 127 -1.67 21.98 17.46
N LYS A 128 -2.59 21.69 18.37
CA LYS A 128 -3.33 22.75 19.04
C LYS A 128 -2.66 23.25 20.33
N GLN A 129 -1.42 22.83 20.55
CA GLN A 129 -0.68 23.25 21.74
C GLN A 129 0.76 23.56 21.39
N THR A 130 1.49 24.18 22.33
CA THR A 130 2.88 24.58 22.08
C THR A 130 3.85 24.18 23.20
N LYS A 131 3.33 23.59 24.26
CA LYS A 131 4.18 23.16 25.37
C LYS A 131 5.06 21.98 24.96
N ILE A 132 4.42 20.91 24.46
CA ILE A 132 5.15 19.76 23.97
C ILE A 132 5.79 20.07 22.61
N GLU A 133 7.11 19.90 22.52
CA GLU A 133 7.80 20.12 21.25
C GLU A 133 7.58 18.92 20.34
N TYR A 134 7.52 19.19 19.05
CA TYR A 134 7.42 18.09 18.08
C TYR A 134 8.09 18.47 16.77
N GLY A 135 8.58 17.47 16.05
CA GLY A 135 9.29 17.74 14.82
C GLY A 135 9.61 16.47 14.08
N ALA A 136 10.56 16.57 13.17
CA ALA A 136 10.90 15.46 12.31
C ALA A 136 12.39 15.52 12.00
N VAL A 137 12.90 14.49 11.32
CA VAL A 137 14.28 14.50 10.85
C VAL A 137 14.48 15.62 9.82
N ARG A 138 15.31 16.60 10.16
CA ARG A 138 15.54 17.80 9.33
C ARG A 138 15.77 17.49 7.86
N ASP A 139 15.03 18.18 7.01
N ASP A 139 15.06 18.22 7.00
CA ASP A 139 15.15 18.03 5.56
CA ASP A 139 15.12 18.03 5.55
C ASP A 139 14.78 16.62 5.08
C ASP A 139 14.83 16.60 5.10
N GLY A 140 14.24 15.80 5.99
CA GLY A 140 13.83 14.45 5.63
C GLY A 140 12.49 14.40 4.93
N SER A 141 12.14 13.21 4.42
CA SER A 141 10.89 12.97 3.71
C SER A 141 9.62 13.20 4.54
N THR A 142 9.69 12.98 5.85
CA THR A 142 8.55 13.23 6.71
C THR A 142 8.40 14.73 6.82
N MET A 143 9.53 15.42 7.02
CA MET A 143 9.52 16.86 7.09
C MET A 143 8.96 17.44 5.81
N THR A 144 9.37 16.87 4.68
CA THR A 144 8.92 17.37 3.39
C THR A 144 7.39 17.26 3.26
N PHE A 145 6.82 16.17 3.77
CA PHE A 145 5.37 16.04 3.77
C PHE A 145 4.69 17.22 4.45
N PHE A 146 5.14 17.57 5.66
CA PHE A 146 4.57 18.70 6.38
C PHE A 146 4.84 20.03 5.67
N LYS A 147 6.08 20.23 5.22
CA LYS A 147 6.46 21.43 4.51
C LYS A 147 5.54 21.71 3.32
N LYS A 148 5.14 20.66 2.62
CA LYS A 148 4.33 20.83 1.42
C LYS A 148 2.82 20.74 1.64
N SER A 149 2.40 20.26 2.80
CA SER A 149 0.97 20.00 3.04
C SER A 149 0.11 21.26 3.03
N LYS A 150 -1.08 21.14 2.45
CA LYS A 150 -2.08 22.22 2.43
C LYS A 150 -3.24 21.86 3.34
N ILE A 151 -3.10 20.73 4.01
CA ILE A 151 -4.09 20.28 4.98
C ILE A 151 -3.90 21.09 6.27
N SER A 152 -4.98 21.71 6.75
CA SER A 152 -4.90 22.68 7.85
C SER A 152 -4.05 22.23 9.03
N THR A 153 -4.37 21.06 9.60
CA THR A 153 -3.65 20.60 10.80
C THR A 153 -2.15 20.43 10.53
N TYR A 154 -1.81 19.92 9.35
CA TYR A 154 -0.42 19.62 9.04
C TYR A 154 0.32 20.90 8.62
N GLU A 155 -0.40 21.83 8.02
CA GLU A 155 0.10 23.17 7.77
C GLU A 155 0.44 23.84 9.10
N LYS A 156 -0.43 23.69 10.08
CA LYS A 156 -0.21 24.32 11.37
C LYS A 156 1.02 23.70 12.05
N MET A 157 1.14 22.39 11.97
CA MET A 157 2.27 21.72 12.58
C MET A 157 3.56 22.13 11.90
N TRP A 158 3.53 22.30 10.58
CA TRP A 158 4.76 22.68 9.87
C TRP A 158 5.25 24.06 10.28
N ALA A 159 4.31 25.00 10.43
CA ALA A 159 4.65 26.34 10.88
C ALA A 159 5.36 26.32 12.23
N PHE A 160 4.81 25.57 13.18
CA PHE A 160 5.44 25.37 14.48
C PHE A 160 6.80 24.71 14.34
N MET A 161 6.81 23.62 13.59
CA MET A 161 8.02 22.86 13.31
C MET A 161 9.12 23.73 12.70
N SER A 162 8.73 24.61 11.80
CA SER A 162 9.69 25.38 11.00
C SER A 162 10.18 26.63 11.72
N SER A 163 9.55 26.97 12.84
CA SER A 163 9.92 28.15 13.61
C SER A 163 11.27 27.94 14.30
N ARG A 164 11.95 29.05 14.63
CA ARG A 164 13.25 29.01 15.29
C ARG A 164 14.31 28.24 14.47
N GLN A 165 14.51 28.69 13.24
CA GLN A 165 15.44 28.06 12.29
C GLN A 165 15.39 26.52 12.31
N GLN A 166 14.18 25.99 12.42
CA GLN A 166 13.95 24.55 12.36
C GLN A 166 14.58 23.76 13.52
N SER A 167 14.52 24.31 14.72
CA SER A 167 15.14 23.67 15.90
C SER A 167 14.36 22.47 16.46
N ALA A 168 13.13 22.30 16.00
CA ALA A 168 12.31 21.17 16.43
C ALA A 168 12.63 20.00 15.54
N LEU A 169 13.44 20.28 14.52
CA LEU A 169 13.90 19.24 13.61
C LEU A 169 15.15 18.62 14.19
N VAL A 170 15.37 17.36 13.89
CA VAL A 170 16.53 16.68 14.45
C VAL A 170 17.42 16.25 13.33
N LYS A 171 18.69 16.02 13.66
CA LYS A 171 19.68 15.66 12.68
C LYS A 171 19.33 14.37 11.97
N ASN A 172 18.94 13.36 12.75
CA ASN A 172 18.61 12.03 12.23
C ASN A 172 17.69 11.29 13.19
N SER A 173 17.31 10.07 12.83
CA SER A 173 16.36 9.28 13.62
C SER A 173 16.92 9.02 15.02
N ASP A 174 18.18 8.58 15.07
CA ASP A 174 18.84 8.28 16.34
C ASP A 174 18.72 9.46 17.29
N GLU A 175 19.05 10.65 16.81
CA GLU A 175 18.98 11.85 17.63
CA GLU A 175 18.99 11.84 17.65
C GLU A 175 17.55 12.12 18.09
N GLY A 176 16.60 11.90 17.20
CA GLY A 176 15.20 12.10 17.50
C GLY A 176 14.75 11.16 18.61
N ILE A 177 15.13 9.90 18.50
CA ILE A 177 14.84 8.94 19.56
C ILE A 177 15.39 9.42 20.90
N GLN A 178 16.67 9.75 20.95
CA GLN A 178 17.29 10.28 22.18
CA GLN A 178 17.24 10.23 22.21
C GLN A 178 16.53 11.48 22.70
N ARG A 179 16.10 12.34 21.77
CA ARG A 179 15.41 13.56 22.17
C ARG A 179 14.03 13.24 22.79
N VAL A 180 13.34 12.25 22.21
CA VAL A 180 12.08 11.76 22.78
C VAL A 180 12.33 11.22 24.19
N LEU A 181 13.41 10.45 24.37
CA LEU A 181 13.70 9.81 25.66
C LEU A 181 14.15 10.77 26.77
N THR A 182 14.78 11.87 26.39
CA THR A 182 15.37 12.78 27.36
C THR A 182 14.50 13.99 27.64
N THR A 183 13.75 14.41 26.63
CA THR A 183 13.02 15.67 26.74
C THR A 183 11.55 15.46 26.51
N ASP A 184 10.75 16.51 26.68
CA ASP A 184 9.34 16.45 26.33
C ASP A 184 9.17 16.73 24.84
N TYR A 185 9.35 15.70 24.03
CA TYR A 185 9.41 15.89 22.58
C TYR A 185 8.74 14.72 21.89
N ALA A 186 7.94 15.00 20.88
CA ALA A 186 7.38 13.94 20.05
C ALA A 186 7.98 14.00 18.64
N LEU A 187 8.34 12.84 18.10
CA LEU A 187 8.94 12.77 16.78
C LEU A 187 7.94 12.22 15.74
N LEU A 188 7.73 12.97 14.68
CA LEU A 188 6.95 12.48 13.55
C LEU A 188 7.87 11.55 12.74
N MET A 189 7.49 10.28 12.65
CA MET A 189 8.39 9.24 12.18
C MET A 189 7.60 8.21 11.39
N GLU A 190 8.22 7.56 10.41
CA GLU A 190 7.51 6.57 9.62
C GLU A 190 7.12 5.35 10.46
N SER A 191 5.88 4.91 10.32
CA SER A 191 5.27 3.97 11.25
C SER A 191 6.04 2.65 11.43
N THR A 192 6.61 2.14 10.35
CA THR A 192 7.39 0.91 10.43
C THR A 192 8.66 1.10 11.27
N SER A 193 9.22 2.31 11.29
CA SER A 193 10.34 2.60 12.17
C SER A 193 9.87 2.75 13.63
N ILE A 194 8.71 3.35 13.82
CA ILE A 194 8.14 3.39 15.18
C ILE A 194 7.94 1.99 15.77
N GLU A 195 7.39 1.07 14.98
CA GLU A 195 7.25 -0.31 15.42
C GLU A 195 8.61 -0.86 15.83
N TYR A 196 9.63 -0.64 15.00
CA TYR A 196 10.96 -1.16 15.31
C TYR A 196 11.46 -0.64 16.64
N VAL A 197 11.35 0.67 16.82
CA VAL A 197 11.85 1.35 18.01
C VAL A 197 11.11 0.95 19.29
N THR A 198 9.79 0.87 19.21
CA THR A 198 9.00 0.60 20.41
C THR A 198 9.16 -0.84 20.89
N GLN A 199 9.62 -1.73 20.01
CA GLN A 199 9.92 -3.11 20.36
C GLN A 199 11.14 -3.14 21.27
N ARG A 200 11.94 -2.09 21.18
CA ARG A 200 13.24 -2.05 21.86
C ARG A 200 13.32 -0.97 22.93
N ASN A 201 12.32 -0.09 22.95
CA ASN A 201 12.26 0.98 23.94
C ASN A 201 10.89 0.96 24.61
N CYS A 202 10.80 0.24 25.71
CA CYS A 202 9.49 -0.10 26.29
C CYS A 202 8.80 1.08 26.97
N ASN A 203 9.49 2.21 27.10
CA ASN A 203 8.85 3.40 27.62
C ASN A 203 8.24 4.27 26.52
N LEU A 204 8.38 3.84 25.27
CA LEU A 204 7.91 4.64 24.15
C LEU A 204 6.75 3.97 23.44
N THR A 205 5.96 4.77 22.72
CA THR A 205 4.81 4.22 22.01
C THR A 205 4.44 5.05 20.79
N GLN A 206 3.68 4.46 19.88
CA GLN A 206 3.10 5.22 18.80
C GLN A 206 1.88 5.94 19.36
N ILE A 207 1.69 7.20 18.98
CA ILE A 207 0.50 7.95 19.34
C ILE A 207 -0.43 8.10 18.13
N GLY A 208 -1.66 7.64 18.26
CA GLY A 208 -2.62 7.77 17.18
C GLY A 208 -2.33 6.82 16.04
N GLY A 209 -2.91 7.09 14.87
CA GLY A 209 -2.78 6.19 13.75
C GLY A 209 -1.82 6.72 12.71
N LEU A 210 -1.96 6.26 11.47
CA LEU A 210 -1.15 6.75 10.36
C LEU A 210 -1.76 8.05 9.83
N ILE A 211 -0.92 9.05 9.67
CA ILE A 211 -1.34 10.36 9.22
C ILE A 211 -1.53 10.33 7.70
N ASP A 212 -0.76 9.47 7.04
CA ASP A 212 -0.88 9.30 5.60
C ASP A 212 -0.60 7.86 5.20
N SER A 213 -0.60 7.59 3.91
CA SER A 213 -0.43 6.23 3.43
C SER A 213 0.56 6.22 2.28
N LYS A 214 1.60 5.39 2.39
CA LYS A 214 2.58 5.32 1.32
C LYS A 214 3.37 4.04 1.45
N GLY A 215 4.31 3.83 0.53
CA GLY A 215 5.09 2.62 0.52
C GLY A 215 6.56 2.89 0.25
N TYR A 216 7.40 1.90 0.54
CA TYR A 216 8.80 1.90 0.14
C TYR A 216 8.90 1.06 -1.14
N GLY A 217 9.60 1.58 -2.14
CA GLY A 217 9.82 0.83 -3.36
C GLY A 217 11.29 0.79 -3.77
N VAL A 218 11.61 -0.17 -4.63
CA VAL A 218 12.94 -0.23 -5.22
C VAL A 218 13.00 0.84 -6.29
N GLY A 219 14.02 1.69 -6.23
CA GLY A 219 14.20 2.72 -7.24
C GLY A 219 15.00 2.22 -8.42
N THR A 220 14.65 2.67 -9.63
CA THR A 220 15.40 2.35 -10.85
C THR A 220 15.47 3.60 -11.71
N PRO A 221 16.45 3.69 -12.61
CA PRO A 221 16.41 4.90 -13.43
C PRO A 221 15.21 4.82 -14.37
N ILE A 222 14.73 5.97 -14.81
CA ILE A 222 13.64 6.01 -15.77
C ILE A 222 13.97 5.13 -16.99
N GLY A 223 13.02 4.30 -17.39
CA GLY A 223 13.20 3.45 -18.56
C GLY A 223 13.82 2.09 -18.26
N SER A 224 14.23 1.90 -17.00
CA SER A 224 14.91 0.65 -16.62
C SER A 224 14.10 -0.60 -16.96
N PRO A 225 14.78 -1.60 -17.55
CA PRO A 225 14.13 -2.87 -17.89
C PRO A 225 13.80 -3.70 -16.65
N TYR A 226 14.41 -3.36 -15.52
CA TYR A 226 14.26 -4.17 -14.31
C TYR A 226 13.07 -3.78 -13.45
N ARG A 227 12.57 -2.55 -13.58
CA ARG A 227 11.50 -2.06 -12.72
C ARG A 227 10.28 -2.98 -12.67
N ASP A 228 9.74 -3.32 -13.84
CA ASP A 228 8.51 -4.12 -13.87
C ASP A 228 8.75 -5.57 -13.45
N LYS A 229 9.91 -6.11 -13.80
CA LYS A 229 10.27 -7.45 -13.35
C LYS A 229 10.34 -7.49 -11.82
N ILE A 230 10.95 -6.48 -11.23
CA ILE A 230 11.03 -6.40 -9.77
C ILE A 230 9.64 -6.21 -9.12
N THR A 231 8.84 -5.34 -9.71
CA THR A 231 7.46 -5.17 -9.24
C THR A 231 6.74 -6.51 -9.19
N ILE A 232 6.91 -7.30 -10.24
CA ILE A 232 6.25 -8.60 -10.33
C ILE A 232 6.79 -9.57 -9.28
N ALA A 233 8.11 -9.55 -9.08
CA ALA A 233 8.72 -10.38 -8.06
C ALA A 233 8.24 -10.00 -6.66
N ILE A 234 8.20 -8.70 -6.38
CA ILE A 234 7.71 -8.20 -5.09
C ILE A 234 6.24 -8.61 -4.88
N LEU A 235 5.40 -8.41 -5.90
CA LEU A 235 4.00 -8.77 -5.74
C LEU A 235 3.90 -10.22 -5.30
N GLN A 236 4.70 -11.08 -5.91
CA GLN A 236 4.65 -12.50 -5.62
C GLN A 236 5.15 -12.84 -4.22
N LEU A 237 6.31 -12.29 -3.85
CA LEU A 237 6.83 -12.43 -2.49
C LEU A 237 5.79 -12.00 -1.46
N GLN A 238 5.05 -10.95 -1.76
CA GLN A 238 4.05 -10.42 -0.83
C GLN A 238 2.94 -11.43 -0.64
N GLU A 239 2.35 -11.84 -1.78
CA GLU A 239 1.29 -12.83 -1.80
C GLU A 239 1.67 -14.13 -1.12
N GLU A 240 2.91 -14.57 -1.34
CA GLU A 240 3.40 -15.80 -0.73
C GLU A 240 3.63 -15.65 0.78
N GLY A 241 3.56 -14.42 1.28
CA GLY A 241 3.78 -14.17 2.70
C GLY A 241 5.23 -14.06 3.10
N LYS A 242 6.11 -14.05 2.11
CA LYS A 242 7.54 -14.02 2.40
C LYS A 242 8.03 -12.67 2.91
N LEU A 243 7.40 -11.60 2.45
CA LEU A 243 7.78 -10.27 2.92
C LEU A 243 7.40 -10.09 4.38
N HIS A 244 6.21 -10.59 4.74
CA HIS A 244 5.77 -10.52 6.12
C HIS A 244 6.74 -11.31 7.02
N MET A 245 7.11 -12.51 6.59
CA MET A 245 8.12 -13.28 7.31
C MET A 245 9.43 -12.50 7.47
N MET A 246 9.84 -11.83 6.41
CA MET A 246 11.09 -11.07 6.43
CA MET A 246 11.07 -11.05 6.39
C MET A 246 11.03 -9.94 7.46
N LYS A 247 9.88 -9.25 7.51
CA LYS A 247 9.67 -8.17 8.47
C LYS A 247 9.69 -8.75 9.87
N GLU A 248 8.93 -9.81 10.10
CA GLU A 248 8.93 -10.47 11.40
C GLU A 248 10.35 -10.76 11.86
N LYS A 249 11.15 -11.31 10.95
CA LYS A 249 12.54 -11.69 11.24
C LYS A 249 13.35 -10.52 11.81
N TRP A 250 13.28 -9.37 11.15
CA TRP A 250 14.14 -8.25 11.51
C TRP A 250 13.57 -7.34 12.59
N TRP A 251 12.25 -7.35 12.74
CA TRP A 251 11.57 -6.47 13.68
C TRP A 251 11.44 -7.02 15.10
N ARG A 252 11.19 -8.32 15.21
CA ARG A 252 10.93 -8.95 16.50
C ARG A 252 12.00 -8.62 17.56
N GLY A 253 11.56 -8.00 18.65
CA GLY A 253 12.46 -7.68 19.75
C GLY A 253 12.45 -8.78 20.79
N ASN A 254 13.12 -8.53 21.91
CA ASN A 254 13.20 -9.50 22.99
C ASN A 254 12.01 -9.43 23.94
N GLY A 255 11.13 -8.45 23.74
CA GLY A 255 9.89 -8.35 24.49
C GLY A 255 9.84 -7.20 25.47
N CYS A 256 8.62 -6.78 25.80
CA CYS A 256 8.41 -5.74 26.82
C CYS A 256 7.52 -6.26 27.94
N PRO A 257 8.14 -6.76 29.02
CA PRO A 257 7.48 -7.49 30.12
C PRO A 257 6.55 -6.62 30.97
N ARG B 4 -8.16 10.77 -29.31
CA ARG B 4 -7.49 11.18 -28.08
C ARG B 4 -8.40 11.06 -26.85
N THR B 5 -9.71 10.95 -27.08
CA THR B 5 -10.63 10.64 -26.00
C THR B 5 -10.41 9.19 -25.55
N LEU B 6 -10.20 8.99 -24.26
CA LEU B 6 -9.87 7.66 -23.76
C LEU B 6 -11.10 6.81 -23.46
N ILE B 7 -11.01 5.51 -23.73
CA ILE B 7 -12.06 4.58 -23.39
C ILE B 7 -11.75 3.92 -22.05
N VAL B 8 -12.66 4.05 -21.10
CA VAL B 8 -12.41 3.52 -19.77
C VAL B 8 -13.30 2.32 -19.52
N THR B 9 -12.71 1.16 -19.27
CA THR B 9 -13.54 0.01 -18.94
C THR B 9 -13.73 -0.09 -17.43
N THR B 10 -14.92 -0.53 -17.01
CA THR B 10 -15.25 -0.59 -15.59
C THR B 10 -16.38 -1.56 -15.36
N ILE B 11 -16.85 -1.65 -14.12
CA ILE B 11 -17.77 -2.71 -13.75
C ILE B 11 -18.68 -2.20 -12.65
N LEU B 12 -19.95 -2.57 -12.67
CA LEU B 12 -20.87 -2.12 -11.61
C LEU B 12 -20.48 -2.82 -10.33
N GLU B 13 -20.17 -2.01 -9.31
CA GLU B 13 -19.77 -2.54 -8.02
C GLU B 13 -19.87 -1.39 -7.01
N GLU B 14 -20.82 -1.47 -6.09
CA GLU B 14 -21.06 -0.41 -5.11
C GLU B 14 -19.93 -0.41 -4.06
N PRO B 15 -19.49 0.78 -3.63
CA PRO B 15 -19.89 2.13 -4.06
C PRO B 15 -18.92 2.73 -5.05
N TYR B 16 -18.21 1.87 -5.78
CA TYR B 16 -17.17 2.34 -6.70
C TYR B 16 -17.81 2.82 -8.00
N VAL B 17 -18.72 2.02 -8.51
CA VAL B 17 -19.44 2.37 -9.74
C VAL B 17 -20.87 1.91 -9.65
N MET B 18 -21.81 2.84 -9.85
CA MET B 18 -23.23 2.54 -9.80
CA MET B 18 -23.23 2.51 -9.84
C MET B 18 -23.96 3.35 -10.87
N TYR B 19 -25.03 2.79 -11.40
CA TYR B 19 -25.98 3.55 -12.20
C TYR B 19 -26.57 4.63 -11.30
N ARG B 20 -26.48 5.88 -11.73
CA ARG B 20 -27.08 6.99 -11.01
C ARG B 20 -28.60 6.79 -10.91
N LYS B 21 -29.19 7.16 -9.77
CA LYS B 21 -30.63 7.15 -9.62
C LYS B 21 -31.22 8.38 -10.34
N SER B 22 -32.19 8.15 -11.23
CA SER B 22 -32.72 9.26 -12.03
C SER B 22 -34.19 9.12 -12.42
N ASP B 23 -34.90 10.25 -12.47
CA ASP B 23 -36.28 10.30 -12.95
C ASP B 23 -36.36 10.41 -14.47
N LYS B 24 -35.21 10.58 -15.11
CA LYS B 24 -35.15 10.67 -16.56
C LYS B 24 -33.97 9.89 -17.09
N PRO B 25 -34.03 9.46 -18.36
CA PRO B 25 -32.91 8.72 -18.94
C PRO B 25 -31.63 9.55 -18.91
N LEU B 26 -30.54 8.91 -18.51
CA LEU B 26 -29.23 9.53 -18.52
C LEU B 26 -28.38 8.94 -19.65
N TYR B 27 -27.39 9.71 -20.11
CA TYR B 27 -26.56 9.28 -21.24
C TYR B 27 -25.09 9.52 -20.92
N GLY B 28 -24.23 8.79 -21.60
CA GLY B 28 -22.79 8.93 -21.44
C GLY B 28 -22.33 8.76 -20.01
N ASN B 29 -21.27 9.48 -19.64
CA ASN B 29 -20.66 9.33 -18.32
C ASN B 29 -21.63 9.68 -17.21
N ASP B 30 -22.60 10.53 -17.52
CA ASP B 30 -23.62 10.96 -16.55
C ASP B 30 -24.49 9.80 -16.05
N ARG B 31 -24.44 8.65 -16.74
CA ARG B 31 -25.21 7.49 -16.29
C ARG B 31 -24.67 6.92 -14.98
N PHE B 32 -23.42 7.21 -14.67
CA PHE B 32 -22.73 6.54 -13.54
C PHE B 32 -22.34 7.49 -12.44
N GLU B 33 -22.16 6.94 -11.24
CA GLU B 33 -21.57 7.67 -10.12
C GLU B 33 -20.83 6.69 -9.21
N GLY B 34 -20.02 7.23 -8.32
CA GLY B 34 -19.31 6.44 -7.33
C GLY B 34 -17.88 6.88 -7.12
N TYR B 35 -17.18 6.20 -6.20
CA TYR B 35 -15.81 6.51 -5.88
C TYR B 35 -14.94 6.51 -7.14
N CYS B 36 -15.05 5.47 -7.96
CA CYS B 36 -14.23 5.39 -9.17
C CYS B 36 -14.53 6.48 -10.21
N LEU B 37 -15.78 6.92 -10.29
CA LEU B 37 -16.13 8.04 -11.16
C LEU B 37 -15.50 9.33 -10.67
N ASP B 38 -15.53 9.53 -9.35
CA ASP B 38 -14.87 10.68 -8.76
C ASP B 38 -13.36 10.63 -9.03
N LEU B 39 -12.78 9.45 -8.91
CA LEU B 39 -11.33 9.32 -9.11
C LEU B 39 -10.98 9.67 -10.55
N LEU B 40 -11.82 9.19 -11.46
CA LEU B 40 -11.62 9.38 -12.88
C LEU B 40 -11.69 10.86 -13.26
N LYS B 41 -12.58 11.61 -12.61
CA LYS B 41 -12.69 13.06 -12.82
C LYS B 41 -11.41 13.78 -12.39
N GLU B 42 -10.93 13.46 -11.20
CA GLU B 42 -9.67 14.03 -10.73
C GLU B 42 -8.55 13.69 -11.70
N LEU B 43 -8.46 12.42 -12.11
CA LEU B 43 -7.39 12.00 -12.99
C LEU B 43 -7.45 12.78 -14.31
N SER B 44 -8.64 12.89 -14.89
CA SER B 44 -8.80 13.54 -16.19
C SER B 44 -8.49 15.02 -16.11
N ASN B 45 -8.78 15.63 -14.96
CA ASN B 45 -8.46 17.05 -14.76
C ASN B 45 -6.96 17.29 -14.68
N ILE B 46 -6.29 16.50 -13.85
CA ILE B 46 -4.86 16.60 -13.64
C ILE B 46 -4.07 16.32 -14.91
N LEU B 47 -4.44 15.25 -15.61
CA LEU B 47 -3.69 14.82 -16.77
C LEU B 47 -4.18 15.48 -18.06
N GLY B 48 -5.42 15.96 -18.03
CA GLY B 48 -6.01 16.66 -19.15
C GLY B 48 -6.44 15.76 -20.30
N PHE B 49 -7.22 14.73 -19.98
CA PHE B 49 -7.80 13.88 -21.01
C PHE B 49 -9.31 13.83 -20.90
N LEU B 50 -9.96 13.53 -22.02
CA LEU B 50 -11.39 13.25 -22.03
C LEU B 50 -11.54 11.74 -22.01
N TYR B 51 -12.72 11.26 -21.64
CA TYR B 51 -12.90 9.82 -21.49
C TYR B 51 -14.34 9.41 -21.70
N ASP B 52 -14.52 8.18 -22.15
CA ASP B 52 -15.85 7.59 -22.28
C ASP B 52 -15.90 6.32 -21.44
N VAL B 53 -16.79 6.30 -20.46
CA VAL B 53 -16.92 5.12 -19.60
C VAL B 53 -17.74 4.04 -20.27
N LYS B 54 -17.22 2.84 -20.23
CA LYS B 54 -17.85 1.70 -20.87
C LYS B 54 -17.82 0.48 -19.96
N LEU B 55 -18.99 -0.06 -19.63
CA LEU B 55 -19.08 -1.24 -18.80
C LEU B 55 -18.48 -2.44 -19.52
N VAL B 56 -17.62 -3.20 -18.83
CA VAL B 56 -17.05 -4.41 -19.45
C VAL B 56 -18.18 -5.34 -19.89
N PRO B 57 -18.22 -5.66 -21.19
CA PRO B 57 -19.33 -6.45 -21.73
C PRO B 57 -19.60 -7.78 -21.01
N ASP B 58 -18.55 -8.54 -20.65
CA ASP B 58 -18.80 -9.85 -20.04
C ASP B 58 -19.06 -9.78 -18.54
N GLY B 59 -19.02 -8.57 -17.98
CA GLY B 59 -19.28 -8.36 -16.58
C GLY B 59 -18.31 -9.01 -15.60
N LYS B 60 -17.04 -9.18 -16.00
CA LYS B 60 -16.06 -9.81 -15.12
C LYS B 60 -14.81 -8.93 -14.85
N TYR B 61 -14.13 -9.17 -13.73
CA TYR B 61 -12.93 -8.40 -13.41
C TYR B 61 -11.77 -8.89 -14.27
N GLY B 62 -11.55 -10.20 -14.32
CA GLY B 62 -10.50 -10.74 -15.14
C GLY B 62 -9.82 -11.90 -14.49
N ALA B 63 -9.88 -13.05 -15.14
CA ALA B 63 -9.20 -14.24 -14.67
C ALA B 63 -8.86 -15.07 -15.90
N GLN B 64 -8.06 -16.11 -15.71
CA GLN B 64 -7.72 -17.01 -16.81
C GLN B 64 -8.58 -18.26 -16.78
N ASN B 65 -8.78 -18.87 -17.95
CA ASN B 65 -9.43 -20.18 -17.99
C ASN B 65 -8.40 -21.30 -17.89
N ASP B 66 -8.87 -22.53 -17.96
CA ASP B 66 -8.02 -23.72 -17.80
C ASP B 66 -6.71 -23.63 -18.57
N LYS B 67 -6.74 -23.11 -19.79
CA LYS B 67 -5.49 -22.92 -20.53
C LYS B 67 -5.27 -21.53 -21.13
N GLY B 68 -5.05 -20.55 -20.26
CA GLY B 68 -4.35 -19.33 -20.64
C GLY B 68 -5.12 -18.08 -21.00
N GLU B 69 -6.35 -18.20 -21.51
CA GLU B 69 -7.05 -17.03 -21.99
C GLU B 69 -7.70 -16.21 -20.88
N TRP B 70 -7.59 -14.88 -20.99
CA TRP B 70 -8.11 -13.93 -20.02
C TRP B 70 -9.50 -13.42 -20.40
N ASN B 71 -10.23 -12.87 -19.43
CA ASN B 71 -11.53 -12.25 -19.68
C ASN B 71 -11.67 -10.91 -18.95
N GLY B 72 -12.91 -10.44 -18.84
CA GLY B 72 -13.20 -9.23 -18.07
C GLY B 72 -12.41 -8.01 -18.48
N MET B 73 -12.22 -7.09 -17.55
CA MET B 73 -11.56 -5.83 -17.88
C MET B 73 -10.09 -6.07 -18.25
N VAL B 74 -9.53 -7.16 -17.74
CA VAL B 74 -8.12 -7.45 -18.02
C VAL B 74 -7.96 -7.76 -19.50
N LYS B 75 -8.88 -8.53 -20.06
CA LYS B 75 -8.85 -8.85 -21.48
C LYS B 75 -9.14 -7.61 -22.34
N GLU B 76 -10.08 -6.78 -21.91
CA GLU B 76 -10.33 -5.52 -22.60
C GLU B 76 -9.04 -4.71 -22.79
N LEU B 77 -8.20 -4.69 -21.75
CA LEU B 77 -6.92 -3.98 -21.84
C LEU B 77 -5.98 -4.69 -22.79
N ILE B 78 -5.86 -5.99 -22.64
CA ILE B 78 -4.96 -6.78 -23.47
C ILE B 78 -5.26 -6.56 -24.95
N ASP B 79 -6.55 -6.47 -25.31
CA ASP B 79 -6.99 -6.36 -26.69
C ASP B 79 -7.01 -4.92 -27.17
N HIS B 80 -6.65 -4.00 -26.30
CA HIS B 80 -6.71 -2.57 -26.62
C HIS B 80 -8.12 -2.11 -26.97
N ARG B 81 -9.11 -2.76 -26.38
CA ARG B 81 -10.48 -2.29 -26.47
C ARG B 81 -10.76 -1.27 -25.37
N ALA B 82 -9.78 -1.06 -24.51
CA ALA B 82 -9.85 -0.01 -23.51
C ALA B 82 -8.46 0.55 -23.23
N ASP B 83 -8.40 1.84 -22.89
CA ASP B 83 -7.15 2.50 -22.56
C ASP B 83 -6.82 2.38 -21.07
N LEU B 84 -7.87 2.46 -20.25
CA LEU B 84 -7.74 2.39 -18.80
C LEU B 84 -8.85 1.51 -18.24
N ALA B 85 -8.59 0.88 -17.11
CA ALA B 85 -9.63 0.19 -16.35
C ALA B 85 -9.68 0.84 -14.97
N VAL B 86 -10.77 1.51 -14.65
CA VAL B 86 -10.88 2.19 -13.37
C VAL B 86 -12.01 1.53 -12.60
N ALA B 87 -11.63 0.62 -11.70
CA ALA B 87 -12.55 -0.20 -10.92
C ALA B 87 -11.79 -0.66 -9.67
N PRO B 88 -12.49 -1.31 -8.72
CA PRO B 88 -11.80 -1.94 -7.58
C PRO B 88 -11.10 -3.22 -8.05
N LEU B 89 -10.06 -3.03 -8.85
CA LEU B 89 -9.35 -4.13 -9.52
C LEU B 89 -8.07 -4.41 -8.80
N THR B 90 -7.97 -5.59 -8.22
CA THR B 90 -6.87 -5.91 -7.31
C THR B 90 -5.56 -6.12 -8.07
N ILE B 91 -4.49 -5.50 -7.60
CA ILE B 91 -3.17 -5.70 -8.21
C ILE B 91 -2.60 -7.04 -7.72
N THR B 92 -2.51 -8.00 -8.63
CA THR B 92 -1.93 -9.30 -8.32
C THR B 92 -0.74 -9.57 -9.27
N TYR B 93 0.18 -10.43 -8.89
CA TYR B 93 1.33 -10.66 -9.76
C TYR B 93 0.95 -11.34 -11.07
N VAL B 94 0.00 -12.27 -11.01
CA VAL B 94 -0.48 -12.91 -12.22
C VAL B 94 -1.07 -11.92 -13.22
N ARG B 95 -1.89 -10.99 -12.73
CA ARG B 95 -2.42 -9.92 -13.58
C ARG B 95 -1.35 -8.91 -14.00
N GLU B 96 -0.42 -8.60 -13.11
CA GLU B 96 0.61 -7.61 -13.40
C GLU B 96 1.51 -8.09 -14.55
N LYS B 97 1.55 -9.40 -14.75
CA LYS B 97 2.30 -9.97 -15.86
C LYS B 97 1.69 -9.65 -17.22
N VAL B 98 0.39 -9.29 -17.25
CA VAL B 98 -0.28 -9.11 -18.54
C VAL B 98 -0.87 -7.73 -18.80
N ILE B 99 -0.88 -6.88 -17.78
CA ILE B 99 -1.24 -5.47 -17.96
C ILE B 99 -0.29 -4.60 -17.12
N ASP B 100 -0.27 -3.30 -17.39
CA ASP B 100 0.53 -2.39 -16.59
C ASP B 100 -0.38 -1.66 -15.59
N PHE B 101 -0.31 -2.05 -14.32
CA PHE B 101 -1.07 -1.37 -13.28
C PHE B 101 -0.38 -0.08 -12.85
N SER B 102 -1.17 0.95 -12.58
CA SER B 102 -0.69 2.07 -11.80
C SER B 102 -0.39 1.57 -10.37
N LYS B 103 0.25 2.41 -9.58
CA LYS B 103 0.41 2.14 -8.16
C LYS B 103 -0.98 2.28 -7.51
N PRO B 104 -1.16 1.68 -6.32
CA PRO B 104 -2.52 1.54 -5.78
C PRO B 104 -3.16 2.86 -5.36
N PHE B 105 -4.46 3.00 -5.60
CA PHE B 105 -5.21 4.14 -5.09
C PHE B 105 -5.91 3.80 -3.76
N MET B 106 -5.85 2.54 -3.39
CA MET B 106 -6.44 2.10 -2.12
C MET B 106 -5.73 0.82 -1.70
N THR B 107 -5.51 0.65 -0.39
CA THR B 107 -4.86 -0.57 0.09
C THR B 107 -5.81 -1.29 1.03
N LEU B 108 -5.76 -2.61 1.02
CA LEU B 108 -6.75 -3.42 1.73
C LEU B 108 -6.21 -4.82 1.90
N GLY B 109 -7.06 -5.71 2.39
CA GLY B 109 -6.72 -7.11 2.48
C GLY B 109 -7.99 -7.94 2.60
N ILE B 110 -7.86 -9.25 2.46
CA ILE B 110 -9.00 -10.13 2.62
C ILE B 110 -9.35 -10.19 4.11
N SER B 111 -10.63 -10.17 4.43
CA SER B 111 -11.03 -10.38 5.81
C SER B 111 -12.31 -11.18 5.82
N ILE B 112 -12.98 -11.25 6.97
CA ILE B 112 -14.14 -12.11 7.13
C ILE B 112 -15.36 -11.29 7.47
N LEU B 113 -16.46 -11.54 6.76
CA LEU B 113 -17.74 -10.92 7.06
C LEU B 113 -18.62 -11.97 7.69
N TYR B 114 -19.22 -11.67 8.83
CA TYR B 114 -20.02 -12.65 9.54
C TYR B 114 -21.07 -11.91 10.35
N ARG B 115 -22.06 -12.63 10.88
CA ARG B 115 -23.05 -11.99 11.74
C ARG B 115 -22.46 -11.69 13.12
N LYS B 116 -23.12 -10.80 13.85
CA LYS B 116 -22.69 -10.40 15.19
C LYS B 116 -23.03 -11.47 16.22
N GLY B 117 -22.35 -11.44 17.35
CA GLY B 117 -22.76 -12.23 18.50
C GLY B 117 -22.10 -13.59 18.67
N THR B 118 -21.07 -13.86 17.88
CA THR B 118 -20.43 -15.18 17.92
C THR B 118 -19.08 -15.11 18.60
N PRO B 119 -18.50 -16.28 18.91
CA PRO B 119 -17.15 -16.31 19.49
C PRO B 119 -16.06 -16.31 18.42
N ILE B 120 -16.42 -16.57 17.17
CA ILE B 120 -15.43 -16.67 16.11
C ILE B 120 -14.61 -15.38 16.05
N ASP B 121 -13.29 -15.52 15.92
CA ASP B 121 -12.43 -14.37 16.09
C ASP B 121 -11.33 -14.28 15.02
N SER B 122 -11.19 -15.34 14.22
CA SER B 122 -10.11 -15.39 13.25
C SER B 122 -10.39 -16.40 12.14
N ALA B 123 -9.59 -16.34 11.09
CA ALA B 123 -9.64 -17.33 10.02
C ALA B 123 -9.30 -18.70 10.57
N ASP B 124 -8.31 -18.74 11.46
CA ASP B 124 -7.92 -20.00 12.08
C ASP B 124 -9.13 -20.71 12.69
N ASP B 125 -9.97 -19.96 13.38
CA ASP B 125 -11.18 -20.52 14.00
C ASP B 125 -12.05 -21.23 12.98
N LEU B 126 -12.29 -20.59 11.84
CA LEU B 126 -13.06 -21.18 10.75
C LEU B 126 -12.42 -22.45 10.19
N ALA B 127 -11.12 -22.38 9.92
CA ALA B 127 -10.40 -23.48 9.31
C ALA B 127 -10.41 -24.76 10.16
N LYS B 128 -10.39 -24.59 11.48
CA LYS B 128 -10.33 -25.74 12.39
C LYS B 128 -11.72 -26.26 12.79
N GLN B 129 -12.71 -26.04 11.92
CA GLN B 129 -14.05 -26.55 12.15
C GLN B 129 -14.82 -26.73 10.84
N THR B 130 -16.02 -27.31 10.92
CA THR B 130 -16.81 -27.56 9.73
C THR B 130 -18.31 -27.32 9.94
N LYS B 131 -18.68 -26.88 11.13
CA LYS B 131 -20.08 -26.57 11.42
C LYS B 131 -20.50 -25.26 10.75
N ILE B 132 -19.61 -24.27 10.76
CA ILE B 132 -19.87 -23.01 10.06
C ILE B 132 -19.35 -23.10 8.64
N GLU B 133 -20.20 -22.81 7.66
CA GLU B 133 -19.77 -22.75 6.27
C GLU B 133 -19.06 -21.42 6.02
N TYR B 134 -18.13 -21.43 5.09
CA TYR B 134 -17.45 -20.20 4.68
C TYR B 134 -16.97 -20.35 3.25
N GLY B 135 -16.87 -19.21 2.56
CA GLY B 135 -16.49 -19.25 1.17
C GLY B 135 -16.28 -17.86 0.62
N ALA B 136 -16.30 -17.75 -0.70
CA ALA B 136 -15.99 -16.51 -1.38
C ALA B 136 -16.71 -16.40 -2.71
N VAL B 137 -16.67 -15.20 -3.28
CA VAL B 137 -17.20 -14.96 -4.62
C VAL B 137 -16.24 -15.59 -5.65
N ARG B 138 -16.81 -16.19 -6.68
CA ARG B 138 -16.00 -16.87 -7.70
C ARG B 138 -15.12 -15.97 -8.57
N ASP B 139 -13.88 -16.40 -8.78
CA ASP B 139 -13.05 -15.91 -9.89
C ASP B 139 -12.49 -14.50 -9.70
N GLY B 140 -12.75 -13.92 -8.53
CA GLY B 140 -12.16 -12.66 -8.17
C GLY B 140 -10.81 -12.94 -7.54
N SER B 141 -10.11 -11.89 -7.12
CA SER B 141 -8.81 -12.05 -6.52
C SER B 141 -8.87 -12.81 -5.21
N THR B 142 -10.03 -12.80 -4.56
CA THR B 142 -10.18 -13.45 -3.25
C THR B 142 -10.17 -14.97 -3.36
N MET B 143 -10.99 -15.50 -4.27
CA MET B 143 -10.97 -16.94 -4.48
C MET B 143 -9.61 -17.34 -5.02
N THR B 144 -9.08 -16.55 -5.94
CA THR B 144 -7.80 -16.87 -6.55
C THR B 144 -6.68 -16.93 -5.51
N PHE B 145 -6.80 -16.14 -4.45
CA PHE B 145 -5.82 -16.15 -3.37
C PHE B 145 -5.82 -17.49 -2.65
N PHE B 146 -6.98 -17.93 -2.21
CA PHE B 146 -7.06 -19.19 -1.49
C PHE B 146 -6.64 -20.34 -2.39
N LYS B 147 -7.04 -20.29 -3.65
CA LYS B 147 -6.74 -21.38 -4.60
C LYS B 147 -5.24 -21.56 -4.83
N LYS B 148 -4.50 -20.46 -4.82
CA LYS B 148 -3.07 -20.47 -5.08
C LYS B 148 -2.22 -20.58 -3.83
N SER B 149 -2.82 -20.39 -2.65
CA SER B 149 -2.05 -20.30 -1.42
C SER B 149 -1.40 -21.62 -0.99
N LYS B 150 -0.16 -21.51 -0.53
CA LYS B 150 0.54 -22.63 0.04
C LYS B 150 0.70 -22.42 1.54
N ILE B 151 0.06 -21.37 2.04
CA ILE B 151 0.07 -21.06 3.47
C ILE B 151 -0.90 -21.99 4.19
N SER B 152 -0.38 -22.75 5.15
CA SER B 152 -1.11 -23.85 5.76
C SER B 152 -2.61 -23.63 5.93
N THR B 153 -2.98 -22.64 6.73
CA THR B 153 -4.38 -22.39 7.06
C THR B 153 -5.24 -22.12 5.82
N TYR B 154 -4.69 -21.32 4.89
CA TYR B 154 -5.44 -20.88 3.73
C TYR B 154 -5.56 -21.96 2.67
N GLU B 155 -4.54 -22.81 2.62
CA GLU B 155 -4.55 -24.01 1.79
C GLU B 155 -5.67 -24.94 2.30
N LYS B 156 -5.74 -25.11 3.61
CA LYS B 156 -6.77 -25.93 4.23
C LYS B 156 -8.17 -25.37 3.99
N MET B 157 -8.30 -24.05 4.09
CA MET B 157 -9.57 -23.38 3.84
C MET B 157 -10.01 -23.57 2.39
N TRP B 158 -9.05 -23.47 1.46
CA TRP B 158 -9.38 -23.67 0.05
C TRP B 158 -9.94 -25.05 -0.21
N ALA B 159 -9.37 -26.07 0.43
CA ALA B 159 -9.84 -27.44 0.24
C ALA B 159 -11.30 -27.55 0.65
N PHE B 160 -11.67 -26.98 1.79
CA PHE B 160 -13.06 -26.95 2.19
C PHE B 160 -13.92 -26.15 1.19
N MET B 161 -13.45 -24.98 0.80
CA MET B 161 -14.21 -24.10 -0.09
C MET B 161 -14.46 -24.72 -1.46
N SER B 162 -13.47 -25.43 -1.98
CA SER B 162 -13.52 -25.92 -3.36
C SER B 162 -14.23 -27.27 -3.45
N SER B 163 -14.51 -27.88 -2.30
CA SER B 163 -15.12 -29.19 -2.24
C SER B 163 -16.60 -29.12 -2.62
N ARG B 164 -17.22 -30.29 -2.74
CA ARG B 164 -18.64 -30.39 -3.12
C ARG B 164 -18.94 -29.44 -4.26
N GLN B 165 -18.21 -29.58 -5.36
CA GLN B 165 -18.47 -28.78 -6.56
C GLN B 165 -18.62 -27.29 -6.26
N GLN B 166 -17.87 -26.81 -5.27
CA GLN B 166 -17.78 -25.40 -4.92
C GLN B 166 -19.08 -24.76 -4.39
N SER B 167 -19.83 -25.51 -3.58
CA SER B 167 -21.13 -25.04 -3.09
C SER B 167 -21.00 -23.97 -2.02
N ALA B 168 -19.79 -23.81 -1.50
CA ALA B 168 -19.54 -22.79 -0.48
C ALA B 168 -19.27 -21.44 -1.13
N LEU B 169 -19.06 -21.42 -2.45
CA LEU B 169 -18.82 -20.16 -3.13
C LEU B 169 -20.14 -19.51 -3.57
N VAL B 170 -20.09 -18.24 -3.90
CA VAL B 170 -21.26 -17.47 -4.33
C VAL B 170 -20.92 -16.72 -5.60
N LYS B 171 -21.91 -16.23 -6.33
CA LYS B 171 -21.64 -15.59 -7.63
C LYS B 171 -21.22 -14.13 -7.50
N ASN B 172 -21.78 -13.44 -6.51
CA ASN B 172 -21.43 -12.05 -6.28
C ASN B 172 -21.51 -11.72 -4.80
N SER B 173 -21.04 -10.52 -4.44
CA SER B 173 -21.00 -10.13 -3.04
C SER B 173 -22.41 -10.05 -2.43
N ASP B 174 -23.37 -9.57 -3.19
CA ASP B 174 -24.75 -9.42 -2.69
C ASP B 174 -25.35 -10.76 -2.26
N GLU B 175 -25.15 -11.79 -3.07
CA GLU B 175 -25.61 -13.12 -2.67
C GLU B 175 -24.85 -13.60 -1.44
N GLY B 176 -23.54 -13.36 -1.41
CA GLY B 176 -22.71 -13.70 -0.26
C GLY B 176 -23.27 -13.06 1.00
N ILE B 177 -23.64 -11.78 0.89
CA ILE B 177 -24.15 -11.03 2.02
C ILE B 177 -25.47 -11.58 2.54
N GLN B 178 -26.40 -11.86 1.63
CA GLN B 178 -27.64 -12.52 2.02
C GLN B 178 -27.39 -13.88 2.65
N ARG B 179 -26.39 -14.60 2.17
CA ARG B 179 -26.09 -15.92 2.72
C ARG B 179 -25.60 -15.80 4.16
N VAL B 180 -24.77 -14.79 4.41
CA VAL B 180 -24.33 -14.50 5.78
C VAL B 180 -25.51 -14.15 6.68
N LEU B 181 -26.43 -13.35 6.15
CA LEU B 181 -27.57 -12.90 6.93
C LEU B 181 -28.57 -14.00 7.26
N THR B 182 -28.68 -15.00 6.39
CA THR B 182 -29.74 -16.00 6.52
C THR B 182 -29.29 -17.32 7.13
N THR B 183 -28.01 -17.66 6.96
CA THR B 183 -27.51 -18.98 7.31
C THR B 183 -26.25 -18.86 8.18
N ASP B 184 -25.76 -19.99 8.69
CA ASP B 184 -24.52 -19.98 9.45
C ASP B 184 -23.37 -20.00 8.47
N TYR B 185 -23.07 -18.84 7.91
CA TYR B 185 -22.10 -18.72 6.83
C TYR B 185 -21.26 -17.46 7.05
N ALA B 186 -19.96 -17.58 6.81
CA ALA B 186 -19.04 -16.46 6.84
C ALA B 186 -18.45 -16.25 5.45
N LEU B 187 -18.46 -15.01 4.99
CA LEU B 187 -17.92 -14.66 3.67
C LEU B 187 -16.51 -14.08 3.77
N LEU B 188 -15.57 -14.66 3.03
CA LEU B 188 -14.24 -14.08 2.87
C LEU B 188 -14.38 -12.94 1.85
N MET B 189 -13.98 -11.74 2.24
CA MET B 189 -14.31 -10.56 1.44
C MET B 189 -13.24 -9.51 1.62
N GLU B 190 -13.02 -8.68 0.61
CA GLU B 190 -12.01 -7.64 0.72
C GLU B 190 -12.46 -6.65 1.79
N SER B 191 -11.51 -6.23 2.63
CA SER B 191 -11.82 -5.48 3.85
C SER B 191 -12.57 -4.17 3.61
N THR B 192 -12.21 -3.46 2.54
CA THR B 192 -12.86 -2.19 2.24
C THR B 192 -14.34 -2.38 1.91
N SER B 193 -14.71 -3.52 1.34
CA SER B 193 -16.12 -3.82 1.12
C SER B 193 -16.80 -4.27 2.41
N ILE B 194 -16.07 -4.97 3.28
CA ILE B 194 -16.60 -5.27 4.61
C ILE B 194 -16.90 -3.98 5.39
N GLU B 195 -15.97 -3.03 5.33
CA GLU B 195 -16.17 -1.72 5.94
CA GLU B 195 -16.19 -1.73 5.97
C GLU B 195 -17.44 -1.07 5.39
N TYR B 196 -17.57 -1.13 4.07
CA TYR B 196 -18.73 -0.55 3.41
C TYR B 196 -20.01 -1.14 3.95
N VAL B 197 -20.12 -2.46 3.89
CA VAL B 197 -21.36 -3.13 4.28
C VAL B 197 -21.71 -3.01 5.76
N THR B 198 -20.70 -3.13 6.62
CA THR B 198 -20.94 -3.11 8.05
C THR B 198 -21.36 -1.73 8.56
N GLN B 199 -21.14 -0.68 7.77
CA GLN B 199 -21.63 0.64 8.15
C GLN B 199 -23.02 0.92 7.59
N ARG B 200 -23.62 -0.08 6.98
CA ARG B 200 -24.97 0.05 6.43
C ARG B 200 -25.89 -1.03 6.98
N ASN B 201 -25.31 -2.13 7.43
CA ASN B 201 -26.06 -3.19 8.08
C ASN B 201 -25.48 -3.54 9.42
N CYS B 202 -26.11 -3.04 10.48
CA CYS B 202 -25.57 -3.20 11.82
C CYS B 202 -25.69 -4.60 12.35
N ASN B 203 -26.23 -5.53 11.56
CA ASN B 203 -26.29 -6.92 11.97
C ASN B 203 -25.04 -7.71 11.61
N LEU B 204 -24.17 -7.08 10.82
CA LEU B 204 -22.96 -7.73 10.33
C LEU B 204 -21.73 -7.11 10.94
N THR B 205 -20.64 -7.87 10.99
CA THR B 205 -19.38 -7.36 11.51
C THR B 205 -18.19 -8.04 10.84
N GLN B 206 -17.04 -7.38 10.88
CA GLN B 206 -15.82 -8.00 10.42
C GLN B 206 -15.29 -8.92 11.50
N ILE B 207 -14.79 -10.07 11.10
CA ILE B 207 -14.13 -10.98 12.02
C ILE B 207 -12.62 -10.94 11.80
N GLY B 208 -11.88 -10.60 12.84
CA GLY B 208 -10.43 -10.62 12.75
C GLY B 208 -9.87 -9.49 11.90
N GLY B 209 -8.62 -9.60 11.50
CA GLY B 209 -7.96 -8.54 10.77
C GLY B 209 -7.79 -8.95 9.32
N LEU B 210 -6.79 -8.38 8.67
CA LEU B 210 -6.53 -8.65 7.25
C LEU B 210 -5.57 -9.84 7.11
N ILE B 211 -5.95 -10.82 6.29
CA ILE B 211 -5.11 -12.00 6.18
C ILE B 211 -4.01 -11.82 5.13
N ASP B 212 -4.16 -10.83 4.27
CA ASP B 212 -3.09 -10.47 3.35
C ASP B 212 -3.10 -8.97 3.14
N SER B 213 -2.24 -8.49 2.27
CA SER B 213 -2.16 -7.06 2.00
C SER B 213 -2.02 -6.83 0.51
N LYS B 214 -2.82 -5.92 -0.04
CA LYS B 214 -2.75 -5.62 -1.46
C LYS B 214 -3.46 -4.32 -1.78
N GLY B 215 -3.46 -3.92 -3.04
CA GLY B 215 -4.05 -2.65 -3.42
C GLY B 215 -4.91 -2.74 -4.66
N TYR B 216 -5.80 -1.77 -4.85
CA TYR B 216 -6.48 -1.60 -6.13
C TYR B 216 -5.66 -0.65 -6.98
N GLY B 217 -5.51 -0.96 -8.27
CA GLY B 217 -4.82 -0.08 -9.19
C GLY B 217 -5.60 0.15 -10.48
N VAL B 218 -5.37 1.28 -11.12
CA VAL B 218 -5.87 1.51 -12.48
C VAL B 218 -5.09 0.62 -13.45
N GLY B 219 -5.80 -0.14 -14.28
CA GLY B 219 -5.17 -0.98 -15.28
C GLY B 219 -4.95 -0.24 -16.59
N THR B 220 -3.83 -0.53 -17.27
CA THR B 220 -3.57 -0.05 -18.62
C THR B 220 -2.86 -1.16 -19.39
N PRO B 221 -2.84 -1.07 -20.73
CA PRO B 221 -2.17 -2.12 -21.49
C PRO B 221 -0.67 -2.08 -21.25
N ILE B 222 -0.01 -3.23 -21.32
CA ILE B 222 1.45 -3.26 -21.27
C ILE B 222 1.98 -2.25 -22.27
N GLY B 223 2.82 -1.34 -21.79
CA GLY B 223 3.43 -0.34 -22.65
C GLY B 223 2.69 0.97 -22.72
N SER B 224 1.59 1.08 -21.99
CA SER B 224 0.83 2.32 -22.00
C SER B 224 1.63 3.53 -21.48
N PRO B 225 1.58 4.65 -22.21
CA PRO B 225 2.23 5.89 -21.81
C PRO B 225 1.44 6.62 -20.74
N TYR B 226 0.23 6.14 -20.45
CA TYR B 226 -0.60 6.78 -19.44
C TYR B 226 -0.36 6.22 -18.04
N ARG B 227 0.18 5.01 -17.95
CA ARG B 227 0.33 4.35 -16.66
C ARG B 227 1.14 5.19 -15.67
N ASP B 228 2.32 5.61 -16.09
CA ASP B 228 3.19 6.38 -15.19
C ASP B 228 2.60 7.73 -14.81
N LYS B 229 1.95 8.38 -15.75
CA LYS B 229 1.29 9.65 -15.46
C LYS B 229 0.17 9.45 -14.45
N ILE B 230 -0.54 8.33 -14.56
CA ILE B 230 -1.66 8.03 -13.68
C ILE B 230 -1.11 7.74 -12.29
N THR B 231 -0.06 6.94 -12.22
CA THR B 231 0.60 6.66 -10.96
C THR B 231 0.96 7.97 -10.27
N ILE B 232 1.59 8.87 -11.00
CA ILE B 232 2.01 10.13 -10.42
C ILE B 232 0.84 10.95 -9.89
N ALA B 233 -0.26 10.99 -10.64
CA ALA B 233 -1.45 11.72 -10.19
C ALA B 233 -1.99 11.09 -8.92
N ILE B 234 -2.10 9.76 -8.92
CA ILE B 234 -2.58 9.04 -7.73
C ILE B 234 -1.73 9.36 -6.50
N LEU B 235 -0.41 9.34 -6.66
CA LEU B 235 0.47 9.59 -5.53
C LEU B 235 0.20 10.97 -4.99
N GLN B 236 -0.04 11.90 -5.91
CA GLN B 236 -0.29 13.28 -5.51
C GLN B 236 -1.63 13.38 -4.79
N LEU B 237 -2.66 12.77 -5.39
CA LEU B 237 -4.00 12.79 -4.77
C LEU B 237 -3.95 12.17 -3.37
N GLN B 238 -3.18 11.10 -3.20
CA GLN B 238 -3.03 10.48 -1.88
C GLN B 238 -2.37 11.46 -0.92
N GLU B 239 -1.26 12.06 -1.33
CA GLU B 239 -0.54 12.96 -0.44
C GLU B 239 -1.40 14.15 -0.02
N GLU B 240 -2.24 14.62 -0.94
CA GLU B 240 -3.05 15.81 -0.69
C GLU B 240 -4.27 15.52 0.18
N GLY B 241 -4.46 14.24 0.51
CA GLY B 241 -5.57 13.81 1.32
C GLY B 241 -6.86 13.62 0.54
N LYS B 242 -6.80 13.80 -0.78
CA LYS B 242 -8.00 13.75 -1.61
C LYS B 242 -8.58 12.34 -1.77
N LEU B 243 -7.73 11.33 -1.82
CA LEU B 243 -8.22 9.96 -1.85
C LEU B 243 -8.90 9.58 -0.52
N HIS B 244 -8.34 10.05 0.58
CA HIS B 244 -8.96 9.82 1.90
C HIS B 244 -10.34 10.49 1.95
N MET B 245 -10.44 11.73 1.48
CA MET B 245 -11.72 12.43 1.43
CA MET B 245 -11.72 12.42 1.44
C MET B 245 -12.74 11.69 0.57
N MET B 246 -12.30 11.26 -0.61
CA MET B 246 -13.16 10.51 -1.51
CA MET B 246 -13.16 10.51 -1.52
C MET B 246 -13.70 9.25 -0.86
N LYS B 247 -12.84 8.53 -0.14
CA LYS B 247 -13.30 7.33 0.52
C LYS B 247 -14.40 7.67 1.55
N GLU B 248 -14.15 8.67 2.39
CA GLU B 248 -15.11 9.00 3.43
C GLU B 248 -16.44 9.42 2.84
N LYS B 249 -16.37 10.12 1.72
CA LYS B 249 -17.57 10.56 1.03
C LYS B 249 -18.45 9.37 0.67
N TRP B 250 -17.84 8.31 0.15
CA TRP B 250 -18.63 7.18 -0.34
C TRP B 250 -18.90 6.09 0.67
N TRP B 251 -18.15 6.07 1.77
CA TRP B 251 -18.26 5.00 2.76
C TRP B 251 -19.15 5.31 3.96
N ARG B 252 -19.43 6.58 4.17
CA ARG B 252 -20.20 7.03 5.32
C ARG B 252 -21.39 6.10 5.66
N GLY B 253 -22.26 5.87 4.68
CA GLY B 253 -23.45 5.06 4.92
C GLY B 253 -24.30 5.67 6.03
N ASN B 254 -25.15 4.87 6.66
CA ASN B 254 -25.95 5.37 7.78
C ASN B 254 -25.24 5.29 9.15
N GLY B 255 -24.27 4.39 9.25
CA GLY B 255 -23.43 4.31 10.44
C GLY B 255 -23.90 3.24 11.39
N CYS B 256 -22.96 2.45 11.92
CA CYS B 256 -23.25 1.42 12.92
C CYS B 256 -22.25 1.55 14.07
N PRO B 257 -22.64 1.10 15.28
CA PRO B 257 -21.72 1.10 16.42
C PRO B 257 -20.64 0.03 16.27
#